data_4PRJ
#
_entry.id   4PRJ
#
_cell.length_a   81.973
_cell.length_b   81.973
_cell.length_c   163.005
_cell.angle_alpha   90.00
_cell.angle_beta   90.00
_cell.angle_gamma   120.00
#
_symmetry.space_group_name_H-M   'P 61 2 2'
#
loop_
_entity.id
_entity.type
_entity.pdbx_description
1 polymer 'Aurora kinase A'
2 non-polymer N-[1-(3-cyanobenzyl)-1H-pyrazol-4-yl]-6-(1H-pyrazol-4-yl)-1H-indazole-3-carboxamide
#
_entity_poly.entity_id   1
_entity_poly.type   'polypeptide(L)'
_entity_poly.pdbx_seq_one_letter_code
;MAKRQWALEDFEIGRPLGKGKFGNVYLAREKNSKFILALKVLFKAQLEKAGVEHQLRREVEIQSHLRHPNILRLYGYFHD
STRVYLILEYAPLGTVYRELQKLSKFDEQRTATYITELANALSYCHSKKVIHRDIKPENLLLGSAGELKIADFGWSVHAP
SSRRAALCGTLDYLPPEMIEGRMHDEKVDLWSLGVLCYEFLVGKPPFEANTYQDTYKRISRVEFTFPDFVTEGARDLISR
LLKHNPSQRPMLREVLEHPWITANSSKPS
;
_entity_poly.pdbx_strand_id   A
#
loop_
_chem_comp.id
_chem_comp.type
_chem_comp.name
_chem_comp.formula
2VU non-polymer N-[1-(3-cyanobenzyl)-1H-pyrazol-4-yl]-6-(1H-pyrazol-4-yl)-1H-indazole-3-carboxamide 'C22 H16 N8 O'
#
# COMPACT_ATOMS: atom_id res chain seq x y z
N LYS A 3 11.13 -14.28 -21.11
CA LYS A 3 10.21 -13.89 -20.03
C LYS A 3 9.40 -15.06 -19.45
N ARG A 4 9.50 -16.27 -20.07
CA ARG A 4 8.83 -17.55 -19.70
C ARG A 4 7.32 -17.54 -19.99
N GLN A 5 6.80 -18.60 -20.66
CA GLN A 5 5.36 -18.71 -20.92
C GLN A 5 4.72 -19.60 -19.88
N TRP A 6 3.64 -19.10 -19.24
CA TRP A 6 2.95 -19.83 -18.17
C TRP A 6 1.49 -20.16 -18.44
N ALA A 7 1.01 -21.21 -17.77
CA ALA A 7 -0.36 -21.73 -17.81
C ALA A 7 -0.75 -22.23 -16.41
N LEU A 8 -2.06 -22.37 -16.15
CA LEU A 8 -2.65 -22.84 -14.89
C LEU A 8 -2.14 -24.24 -14.49
N GLU A 9 -1.89 -25.11 -15.48
CA GLU A 9 -1.40 -26.48 -15.31
C GLU A 9 0.07 -26.57 -14.81
N ASP A 10 0.73 -25.40 -14.59
CA ASP A 10 2.12 -25.34 -14.11
C ASP A 10 2.19 -25.13 -12.59
N PHE A 11 1.07 -24.69 -11.97
CA PHE A 11 1.02 -24.37 -10.54
C PHE A 11 0.02 -25.18 -9.75
N GLU A 12 0.44 -25.62 -8.54
CA GLU A 12 -0.41 -26.32 -7.57
C GLU A 12 -1.00 -25.23 -6.65
N ILE A 13 -2.30 -25.03 -6.73
CA ILE A 13 -3.02 -23.99 -5.96
C ILE A 13 -3.29 -24.49 -4.53
N GLY A 14 -3.36 -23.55 -3.59
CA GLY A 14 -3.60 -23.83 -2.18
C GLY A 14 -4.48 -22.82 -1.47
N ARG A 15 -4.16 -22.58 -0.19
CA ARG A 15 -4.84 -21.69 0.74
C ARG A 15 -5.05 -20.27 0.18
N PRO A 16 -6.29 -19.72 0.26
CA PRO A 16 -6.48 -18.32 -0.19
C PRO A 16 -5.84 -17.39 0.84
N LEU A 17 -4.96 -16.52 0.35
CA LEU A 17 -4.19 -15.56 1.15
C LEU A 17 -4.95 -14.29 1.45
N GLY A 18 -5.81 -13.87 0.52
CA GLY A 18 -6.61 -12.66 0.65
C GLY A 18 -7.76 -12.54 -0.34
N LYS A 19 -8.58 -11.49 -0.19
CA LYS A 19 -9.75 -11.22 -1.04
C LYS A 19 -9.85 -9.75 -1.43
N GLY A 20 -10.32 -9.50 -2.66
CA GLY A 20 -10.49 -8.16 -3.20
C GLY A 20 -11.88 -7.93 -3.77
N ASN A 24 -9.46 -13.41 -6.33
CA ASN A 24 -8.71 -13.50 -5.07
C ASN A 24 -7.28 -13.96 -5.30
N VAL A 25 -6.45 -13.85 -4.25
CA VAL A 25 -5.04 -14.27 -4.24
C VAL A 25 -4.89 -15.59 -3.46
N TYR A 26 -4.35 -16.63 -4.13
CA TYR A 26 -4.14 -17.99 -3.59
C TYR A 26 -2.65 -18.34 -3.49
N LEU A 27 -2.30 -19.23 -2.54
CA LEU A 27 -0.93 -19.70 -2.38
C LEU A 27 -0.67 -20.71 -3.50
N ALA A 28 0.47 -20.57 -4.18
CA ALA A 28 0.78 -21.46 -5.30
C ALA A 28 2.21 -21.96 -5.31
N ARG A 29 2.41 -23.15 -5.88
CA ARG A 29 3.71 -23.80 -6.03
C ARG A 29 3.91 -24.16 -7.49
N GLU A 30 4.97 -23.60 -8.12
CA GLU A 30 5.30 -23.91 -9.52
C GLU A 30 5.84 -25.34 -9.50
N LYS A 31 5.07 -26.29 -10.04
CA LYS A 31 5.35 -27.72 -10.09
C LYS A 31 6.79 -28.13 -10.40
N ASN A 32 7.42 -27.51 -11.41
CA ASN A 32 8.77 -27.87 -11.86
C ASN A 32 9.91 -27.39 -10.95
N SER A 33 9.86 -26.14 -10.50
CA SER A 33 10.90 -25.53 -9.65
C SER A 33 10.62 -25.63 -8.15
N LYS A 34 9.37 -25.99 -7.77
CA LYS A 34 8.84 -26.08 -6.39
C LYS A 34 8.69 -24.66 -5.79
N PHE A 35 8.78 -23.60 -6.64
CA PHE A 35 8.71 -22.18 -6.29
C PHE A 35 7.39 -21.73 -5.66
N ILE A 36 7.47 -21.20 -4.44
CA ILE A 36 6.31 -20.70 -3.71
C ILE A 36 6.08 -19.25 -4.11
N LEU A 37 4.87 -18.97 -4.57
CA LEU A 37 4.43 -17.65 -4.99
C LEU A 37 2.97 -17.44 -4.59
N ALA A 38 2.38 -16.34 -5.07
CA ALA A 38 1.00 -15.96 -4.83
C ALA A 38 0.33 -15.74 -6.19
N LEU A 39 -0.84 -16.36 -6.41
CA LEU A 39 -1.57 -16.21 -7.65
C LEU A 39 -2.80 -15.38 -7.44
N LYS A 40 -2.83 -14.20 -8.07
CA LYS A 40 -3.99 -13.30 -8.04
C LYS A 40 -4.82 -13.72 -9.26
N VAL A 41 -6.04 -14.24 -9.01
CA VAL A 41 -6.94 -14.71 -10.07
C VAL A 41 -8.07 -13.70 -10.32
N LEU A 42 -8.02 -13.03 -11.49
CA LEU A 42 -8.99 -12.00 -11.91
C LEU A 42 -9.88 -12.49 -13.05
N PHE A 43 -11.22 -12.42 -12.87
CA PHE A 43 -12.16 -12.85 -13.92
C PHE A 43 -12.34 -11.76 -14.97
N LYS A 44 -12.24 -12.15 -16.26
CA LYS A 44 -12.38 -11.28 -17.44
C LYS A 44 -13.76 -10.62 -17.49
N ALA A 45 -14.82 -11.38 -17.11
CA ALA A 45 -16.21 -10.93 -17.06
C ALA A 45 -16.43 -9.86 -15.99
N GLN A 46 -15.65 -9.93 -14.89
CA GLN A 46 -15.70 -8.96 -13.79
C GLN A 46 -15.09 -7.63 -14.27
N LEU A 47 -13.89 -7.70 -14.89
CA LEU A 47 -13.11 -6.58 -15.44
C LEU A 47 -13.86 -5.89 -16.58
N GLU A 48 -14.67 -6.66 -17.35
CA GLU A 48 -15.49 -6.17 -18.46
C GLU A 48 -16.64 -5.29 -17.95
N LYS A 49 -17.42 -5.82 -16.98
CA LYS A 49 -18.59 -5.16 -16.38
C LYS A 49 -18.25 -3.95 -15.48
N ALA A 50 -16.94 -3.70 -15.23
CA ALA A 50 -16.42 -2.58 -14.42
C ALA A 50 -15.54 -1.64 -15.24
N GLY A 51 -15.14 -2.08 -16.45
CA GLY A 51 -14.29 -1.34 -17.38
C GLY A 51 -12.93 -0.97 -16.81
N VAL A 52 -12.29 -1.94 -16.12
CA VAL A 52 -11.01 -1.73 -15.43
C VAL A 52 -9.84 -2.54 -16.06
N GLU A 53 -10.00 -3.00 -17.30
CA GLU A 53 -9.00 -3.79 -18.05
C GLU A 53 -7.72 -2.97 -18.28
N HIS A 54 -7.87 -1.67 -18.61
CA HIS A 54 -6.79 -0.71 -18.86
C HIS A 54 -6.01 -0.47 -17.56
N GLN A 55 -6.75 -0.41 -16.43
CA GLN A 55 -6.22 -0.19 -15.08
C GLN A 55 -5.36 -1.38 -14.63
N LEU A 56 -5.72 -2.61 -15.08
CA LEU A 56 -4.98 -3.83 -14.77
C LEU A 56 -3.67 -3.85 -15.54
N ARG A 57 -3.71 -3.50 -16.85
CA ARG A 57 -2.56 -3.41 -17.76
C ARG A 57 -1.52 -2.44 -17.21
N ARG A 58 -1.98 -1.30 -16.66
CA ARG A 58 -1.18 -0.24 -16.04
C ARG A 58 -0.40 -0.84 -14.87
N GLU A 59 -1.10 -1.55 -13.94
CA GLU A 59 -0.59 -2.23 -12.76
C GLU A 59 0.50 -3.26 -13.15
N VAL A 60 0.20 -4.11 -14.16
CA VAL A 60 1.07 -5.13 -14.72
C VAL A 60 2.35 -4.49 -15.28
N GLU A 61 2.20 -3.43 -16.09
CA GLU A 61 3.31 -2.72 -16.70
C GLU A 61 4.21 -2.03 -15.68
N ILE A 62 3.60 -1.37 -14.69
CA ILE A 62 4.33 -0.65 -13.62
C ILE A 62 5.10 -1.60 -12.67
N GLN A 63 4.39 -2.56 -12.02
CA GLN A 63 4.97 -3.48 -11.02
C GLN A 63 5.99 -4.48 -11.54
N SER A 64 5.93 -4.85 -12.83
CA SER A 64 6.88 -5.80 -13.43
C SER A 64 8.27 -5.19 -13.62
N HIS A 65 8.35 -3.86 -13.79
CA HIS A 65 9.62 -3.15 -13.98
C HIS A 65 10.15 -2.44 -12.71
N LEU A 66 9.43 -2.60 -11.57
CA LEU A 66 9.86 -2.05 -10.29
C LEU A 66 10.72 -3.10 -9.59
N ARG A 67 11.90 -2.66 -9.11
CA ARG A 67 12.85 -3.53 -8.42
C ARG A 67 13.40 -2.84 -7.17
N HIS A 68 12.83 -3.15 -6.00
CA HIS A 68 13.24 -2.58 -4.71
C HIS A 68 12.91 -3.56 -3.59
N PRO A 69 13.82 -3.75 -2.59
CA PRO A 69 13.54 -4.70 -1.49
C PRO A 69 12.24 -4.45 -0.69
N ASN A 70 11.68 -3.24 -0.73
CA ASN A 70 10.45 -2.91 -0.02
C ASN A 70 9.22 -2.82 -0.96
N ILE A 71 9.36 -3.40 -2.18
CA ILE A 71 8.31 -3.47 -3.20
C ILE A 71 8.20 -4.94 -3.60
N LEU A 72 6.97 -5.49 -3.53
CA LEU A 72 6.67 -6.87 -3.90
C LEU A 72 6.78 -7.05 -5.41
N ARG A 73 7.54 -8.07 -5.81
CA ARG A 73 7.86 -8.38 -7.19
C ARG A 73 6.70 -9.08 -7.93
N LEU A 74 6.39 -8.59 -9.15
CA LEU A 74 5.40 -9.18 -10.06
C LEU A 74 6.22 -9.89 -11.14
N TYR A 75 6.40 -11.21 -10.95
CA TYR A 75 7.23 -12.07 -11.80
C TYR A 75 6.75 -12.17 -13.24
N GLY A 76 5.44 -12.23 -13.43
CA GLY A 76 4.83 -12.32 -14.74
C GLY A 76 3.31 -12.47 -14.71
N TYR A 77 2.71 -12.61 -15.90
CA TYR A 77 1.27 -12.77 -16.06
C TYR A 77 0.92 -13.78 -17.16
N PHE A 78 -0.36 -14.15 -17.24
CA PHE A 78 -0.97 -15.06 -18.22
C PHE A 78 -2.48 -15.05 -18.09
N HIS A 79 -3.20 -15.41 -19.17
CA HIS A 79 -4.66 -15.45 -19.17
C HIS A 79 -5.18 -16.70 -19.88
N ASP A 80 -6.40 -17.14 -19.51
CA ASP A 80 -7.07 -18.27 -20.14
C ASP A 80 -8.33 -17.79 -20.89
N SER A 81 -9.41 -18.58 -20.94
CA SER A 81 -10.66 -18.22 -21.63
C SER A 81 -11.53 -17.25 -20.81
N THR A 82 -11.45 -17.31 -19.46
CA THR A 82 -12.27 -16.47 -18.57
C THR A 82 -11.48 -15.77 -17.45
N ARG A 83 -10.21 -16.17 -17.20
CA ARG A 83 -9.40 -15.64 -16.11
C ARG A 83 -8.05 -15.04 -16.54
N VAL A 84 -7.55 -14.09 -15.73
CA VAL A 84 -6.26 -13.39 -15.86
C VAL A 84 -5.50 -13.68 -14.55
N TYR A 85 -4.25 -14.15 -14.69
CA TYR A 85 -3.38 -14.57 -13.59
C TYR A 85 -2.14 -13.70 -13.43
N LEU A 86 -1.79 -13.38 -12.16
CA LEU A 86 -0.62 -12.57 -11.81
C LEU A 86 0.29 -13.32 -10.85
N ILE A 87 1.50 -13.67 -11.32
CA ILE A 87 2.53 -14.39 -10.58
C ILE A 87 3.26 -13.37 -9.71
N LEU A 88 2.89 -13.31 -8.44
CA LEU A 88 3.40 -12.34 -7.47
C LEU A 88 4.30 -12.97 -6.41
N GLU A 89 5.18 -12.17 -5.81
CA GLU A 89 6.08 -12.61 -4.76
C GLU A 89 5.27 -12.93 -3.50
N TYR A 90 5.62 -14.02 -2.84
CA TYR A 90 4.95 -14.42 -1.62
C TYR A 90 5.64 -13.76 -0.44
N ALA A 91 4.87 -13.03 0.37
CA ALA A 91 5.37 -12.37 1.58
C ALA A 91 5.08 -13.35 2.73
N PRO A 92 6.12 -13.99 3.28
CA PRO A 92 5.91 -15.04 4.30
C PRO A 92 5.25 -14.63 5.61
N LEU A 93 5.40 -13.36 6.02
CA LEU A 93 4.88 -12.92 7.30
C LEU A 93 3.52 -12.18 7.23
N GLY A 94 2.85 -12.32 6.09
CA GLY A 94 1.50 -11.76 5.88
C GLY A 94 1.39 -10.26 5.72
N THR A 95 0.16 -9.76 5.84
CA THR A 95 -0.16 -8.35 5.70
C THR A 95 0.16 -7.55 6.96
N VAL A 96 0.34 -6.23 6.80
CA VAL A 96 0.56 -5.29 7.89
C VAL A 96 -0.79 -5.13 8.64
N TYR A 97 -1.92 -5.20 7.88
CA TYR A 97 -3.28 -5.13 8.41
C TYR A 97 -3.53 -6.21 9.46
N ARG A 98 -3.13 -7.46 9.16
CA ARG A 98 -3.31 -8.58 10.08
C ARG A 98 -2.51 -8.34 11.35
N GLU A 99 -1.24 -7.87 11.21
CA GLU A 99 -0.31 -7.59 12.29
C GLU A 99 -0.84 -6.53 13.26
N LEU A 100 -1.43 -5.46 12.71
CA LEU A 100 -2.01 -4.36 13.46
C LEU A 100 -3.26 -4.82 14.22
N GLN A 101 -3.99 -5.81 13.69
CA GLN A 101 -5.18 -6.35 14.35
C GLN A 101 -4.84 -7.16 15.61
N LYS A 102 -3.71 -7.88 15.60
CA LYS A 102 -3.25 -8.69 16.74
C LYS A 102 -2.74 -7.79 17.86
N LEU A 103 -1.82 -6.88 17.50
CA LEU A 103 -1.11 -5.97 18.38
C LEU A 103 -1.91 -4.75 18.84
N SER A 104 -3.01 -4.40 18.12
CA SER A 104 -3.92 -3.25 18.32
C SER A 104 -3.32 -1.95 17.77
N LYS A 105 -2.06 -1.69 18.14
CA LYS A 105 -1.25 -0.54 17.70
C LYS A 105 0.24 -0.91 17.80
N PHE A 106 1.09 -0.21 17.05
CA PHE A 106 2.53 -0.44 17.07
C PHE A 106 3.25 0.59 17.93
N ASP A 107 4.43 0.23 18.42
CA ASP A 107 5.26 1.16 19.19
C ASP A 107 5.97 2.10 18.21
N GLU A 108 6.63 3.16 18.73
CA GLU A 108 7.34 4.16 17.94
C GLU A 108 8.44 3.54 17.07
N GLN A 109 9.15 2.54 17.64
CA GLN A 109 10.26 1.82 17.00
C GLN A 109 9.79 1.13 15.72
N ARG A 110 8.74 0.29 15.86
CA ARG A 110 8.15 -0.47 14.77
C ARG A 110 7.50 0.46 13.74
N THR A 111 6.82 1.53 14.21
CA THR A 111 6.17 2.49 13.33
C THR A 111 7.21 3.21 12.45
N ALA A 112 8.24 3.82 13.08
CA ALA A 112 9.30 4.55 12.37
C ALA A 112 10.05 3.69 11.35
N THR A 113 10.19 2.38 11.64
CA THR A 113 10.87 1.44 10.75
C THR A 113 10.03 1.19 9.49
N TYR A 114 8.71 0.95 9.68
CA TYR A 114 7.77 0.75 8.57
C TYR A 114 7.71 2.00 7.70
N ILE A 115 7.67 3.20 8.34
CA ILE A 115 7.64 4.50 7.67
C ILE A 115 8.88 4.67 6.78
N THR A 116 10.10 4.40 7.34
CA THR A 116 11.38 4.46 6.64
C THR A 116 11.36 3.54 5.40
N GLU A 117 11.01 2.25 5.63
CA GLU A 117 10.91 1.22 4.59
C GLU A 117 9.95 1.62 3.50
N LEU A 118 8.81 2.23 3.87
CA LEU A 118 7.80 2.70 2.91
C LEU A 118 8.26 3.94 2.13
N ALA A 119 8.79 4.95 2.85
CA ALA A 119 9.31 6.20 2.28
C ALA A 119 10.40 5.93 1.27
N ASN A 120 11.28 4.94 1.56
CA ASN A 120 12.36 4.51 0.67
C ASN A 120 11.75 3.95 -0.62
N ALA A 121 10.82 2.98 -0.49
CA ALA A 121 10.11 2.35 -1.59
C ALA A 121 9.35 3.38 -2.43
N LEU A 122 8.68 4.36 -1.78
CA LEU A 122 7.94 5.45 -2.45
C LEU A 122 8.87 6.39 -3.22
N SER A 123 10.09 6.63 -2.68
CA SER A 123 11.09 7.48 -3.32
C SER A 123 11.59 6.84 -4.61
N TYR A 124 11.78 5.50 -4.60
CA TYR A 124 12.19 4.70 -5.76
C TYR A 124 11.07 4.79 -6.82
N CYS A 125 9.80 4.75 -6.37
CA CYS A 125 8.62 4.84 -7.21
C CYS A 125 8.52 6.21 -7.85
N HIS A 126 8.66 7.29 -7.05
CA HIS A 126 8.54 8.67 -7.53
C HIS A 126 9.68 9.10 -8.46
N SER A 127 10.89 8.50 -8.31
CA SER A 127 12.03 8.80 -9.18
C SER A 127 11.76 8.29 -10.60
N LYS A 128 10.91 7.24 -10.73
CA LYS A 128 10.46 6.64 -11.98
C LYS A 128 9.11 7.24 -12.40
N LYS A 129 8.71 8.34 -11.73
CA LYS A 129 7.47 9.09 -11.94
C LYS A 129 6.21 8.21 -11.77
N VAL A 130 6.32 7.19 -10.89
CA VAL A 130 5.25 6.26 -10.55
C VAL A 130 4.69 6.66 -9.19
N ILE A 131 3.39 7.01 -9.17
CA ILE A 131 2.65 7.43 -7.98
C ILE A 131 1.77 6.24 -7.55
N HIS A 132 1.87 5.81 -6.27
CA HIS A 132 1.11 4.65 -5.78
C HIS A 132 -0.39 4.88 -5.66
N ARG A 133 -0.79 5.97 -4.95
CA ARG A 133 -2.17 6.43 -4.71
C ARG A 133 -2.99 5.57 -3.71
N ASP A 134 -2.70 4.25 -3.56
CA ASP A 134 -3.49 3.40 -2.66
C ASP A 134 -2.70 2.79 -1.48
N ILE A 135 -1.89 3.62 -0.79
CA ILE A 135 -1.13 3.15 0.38
C ILE A 135 -2.06 3.00 1.58
N LYS A 136 -2.12 1.79 2.17
CA LYS A 136 -2.95 1.40 3.32
C LYS A 136 -2.47 0.03 3.89
N PRO A 137 -2.80 -0.34 5.16
CA PRO A 137 -2.26 -1.58 5.74
C PRO A 137 -2.57 -2.88 4.98
N GLU A 138 -3.79 -3.01 4.42
CA GLU A 138 -4.20 -4.20 3.66
C GLU A 138 -3.43 -4.35 2.34
N ASN A 139 -2.78 -3.28 1.86
CA ASN A 139 -1.99 -3.29 0.63
C ASN A 139 -0.49 -3.37 0.94
N LEU A 140 -0.15 -3.53 2.22
CA LEU A 140 1.24 -3.65 2.68
C LEU A 140 1.50 -5.03 3.26
N LEU A 141 2.62 -5.64 2.87
CA LEU A 141 3.00 -6.96 3.33
C LEU A 141 4.32 -6.99 4.10
N LEU A 142 4.63 -8.14 4.72
CA LEU A 142 5.82 -8.34 5.51
C LEU A 142 6.62 -9.52 4.97
N GLY A 143 7.90 -9.27 4.67
CA GLY A 143 8.82 -10.27 4.15
C GLY A 143 9.33 -11.22 5.21
N SER A 144 10.29 -12.08 4.82
CA SER A 144 10.92 -13.06 5.70
C SER A 144 11.62 -12.45 6.93
N ALA A 145 12.11 -11.19 6.80
CA ALA A 145 12.82 -10.49 7.88
C ALA A 145 11.93 -9.45 8.59
N GLY A 146 10.63 -9.49 8.31
CA GLY A 146 9.66 -8.57 8.88
C GLY A 146 9.71 -7.19 8.27
N GLU A 147 10.37 -7.07 7.08
CA GLU A 147 10.48 -5.82 6.34
C GLU A 147 9.17 -5.53 5.61
N LEU A 148 8.78 -4.26 5.59
CA LEU A 148 7.56 -3.82 4.92
C LEU A 148 7.77 -3.91 3.40
N LYS A 149 6.72 -4.32 2.68
CA LYS A 149 6.74 -4.48 1.22
C LYS A 149 5.43 -4.01 0.62
N ILE A 150 5.48 -3.19 -0.45
CA ILE A 150 4.26 -2.72 -1.09
C ILE A 150 3.76 -3.81 -2.03
N ALA A 151 2.56 -4.33 -1.76
CA ALA A 151 1.93 -5.41 -2.51
C ALA A 151 1.09 -4.95 -3.70
N ASP A 152 -0.15 -4.46 -3.44
CA ASP A 152 -1.13 -4.01 -4.44
C ASP A 152 -0.67 -2.78 -5.16
N PHE A 153 -0.76 -2.78 -6.49
CA PHE A 153 -0.41 -1.63 -7.31
C PHE A 153 -1.53 -1.31 -8.31
N GLY A 154 -2.76 -1.69 -7.95
CA GLY A 154 -3.98 -1.53 -8.75
C GLY A 154 -4.38 -0.12 -9.12
N TRP A 155 -3.92 0.87 -8.35
CA TRP A 155 -4.23 2.29 -8.57
C TRP A 155 -2.97 3.12 -8.88
N SER A 156 -1.93 2.48 -9.41
CA SER A 156 -0.68 3.16 -9.77
C SER A 156 -0.77 3.91 -11.11
N VAL A 157 0.03 5.01 -11.22
CA VAL A 157 0.15 5.89 -12.39
C VAL A 157 1.60 6.41 -12.51
N CYS A 168 -12.94 3.14 -5.57
CA CYS A 168 -13.27 4.32 -4.76
C CYS A 168 -14.23 3.92 -3.62
N GLY A 169 -13.76 2.99 -2.78
CA GLY A 169 -14.50 2.48 -1.62
C GLY A 169 -14.31 3.34 -0.40
N THR A 170 -13.42 2.94 0.53
CA THR A 170 -13.17 3.71 1.74
C THR A 170 -12.28 4.93 1.40
N LEU A 171 -12.75 6.11 1.81
CA LEU A 171 -12.05 7.37 1.56
C LEU A 171 -10.78 7.56 2.39
N ASP A 172 -10.65 6.82 3.54
CA ASP A 172 -9.46 6.88 4.42
C ASP A 172 -8.22 6.73 3.54
N TYR A 173 -7.12 7.41 3.90
CA TYR A 173 -5.84 7.33 3.16
C TYR A 173 -5.77 8.22 1.91
N LEU A 174 -6.93 8.65 1.36
CA LEU A 174 -7.00 9.53 0.18
C LEU A 174 -7.00 11.01 0.55
N PRO A 175 -6.08 11.83 -0.04
CA PRO A 175 -6.02 13.25 0.33
C PRO A 175 -7.19 14.09 -0.20
N PRO A 176 -7.45 15.30 0.37
CA PRO A 176 -8.57 16.10 -0.13
C PRO A 176 -8.57 16.40 -1.63
N GLU A 177 -7.41 16.31 -2.31
CA GLU A 177 -7.29 16.55 -3.76
C GLU A 177 -8.01 15.46 -4.57
N MET A 178 -7.66 14.18 -4.31
CA MET A 178 -8.21 13.00 -4.98
C MET A 178 -9.70 12.81 -4.74
N ILE A 179 -10.16 12.98 -3.48
CA ILE A 179 -11.58 12.85 -3.10
C ILE A 179 -12.43 13.93 -3.79
N GLU A 180 -11.85 15.14 -3.98
CA GLU A 180 -12.49 16.28 -4.65
C GLU A 180 -12.37 16.27 -6.18
N GLY A 181 -11.77 15.21 -6.73
CA GLY A 181 -11.58 15.03 -8.16
C GLY A 181 -10.55 15.91 -8.86
N ARG A 182 -9.84 16.79 -8.11
CA ARG A 182 -8.80 17.68 -8.64
C ARG A 182 -7.53 16.89 -9.04
N MET A 183 -6.61 17.51 -9.83
CA MET A 183 -5.34 16.88 -10.23
C MET A 183 -4.40 16.76 -9.02
N HIS A 184 -3.49 15.76 -9.03
CA HIS A 184 -2.61 15.51 -7.89
C HIS A 184 -1.18 15.04 -8.25
N ASP A 185 -0.22 15.26 -7.31
CA ASP A 185 1.21 14.91 -7.44
C ASP A 185 1.53 13.62 -6.69
N GLU A 186 2.85 13.37 -6.47
CA GLU A 186 3.40 12.25 -5.69
C GLU A 186 3.04 12.51 -4.23
N LYS A 187 2.67 13.77 -3.93
CA LYS A 187 2.26 14.28 -2.62
C LYS A 187 1.06 13.53 -2.02
N VAL A 188 0.26 12.84 -2.86
CA VAL A 188 -0.87 12.02 -2.41
C VAL A 188 -0.35 10.91 -1.50
N ASP A 189 0.82 10.33 -1.88
CA ASP A 189 1.51 9.27 -1.16
C ASP A 189 2.13 9.78 0.14
N LEU A 190 2.43 11.10 0.20
CA LEU A 190 2.95 11.74 1.41
C LEU A 190 1.81 11.90 2.42
N TRP A 191 0.60 12.22 1.93
CA TRP A 191 -0.58 12.34 2.77
C TRP A 191 -0.89 10.94 3.34
N SER A 192 -0.89 9.92 2.46
CA SER A 192 -1.14 8.52 2.78
C SER A 192 -0.21 8.04 3.89
N LEU A 193 1.08 8.45 3.82
CA LEU A 193 2.15 8.18 4.77
C LEU A 193 1.79 8.73 6.16
N GLY A 194 1.20 9.92 6.18
CA GLY A 194 0.73 10.59 7.39
C GLY A 194 -0.44 9.86 8.03
N VAL A 195 -1.39 9.39 7.19
CA VAL A 195 -2.58 8.63 7.61
C VAL A 195 -2.10 7.30 8.19
N LEU A 196 -1.13 6.68 7.51
CA LEU A 196 -0.55 5.40 7.89
C LEU A 196 0.22 5.48 9.19
N CYS A 197 0.95 6.59 9.42
CA CYS A 197 1.72 6.78 10.66
C CYS A 197 0.79 6.88 11.87
N TYR A 198 -0.32 7.63 11.72
CA TYR A 198 -1.33 7.83 12.75
C TYR A 198 -2.00 6.50 13.07
N GLU A 199 -2.50 5.77 12.04
CA GLU A 199 -3.17 4.47 12.19
C GLU A 199 -2.28 3.46 12.91
N PHE A 200 -0.98 3.46 12.57
CA PHE A 200 0.02 2.60 13.16
C PHE A 200 0.15 2.80 14.65
N LEU A 201 0.15 4.06 15.11
CA LEU A 201 0.32 4.39 16.53
C LEU A 201 -0.97 4.42 17.33
N VAL A 202 -2.08 4.86 16.72
CA VAL A 202 -3.38 4.99 17.39
C VAL A 202 -4.15 3.68 17.35
N GLY A 203 -4.19 3.05 16.18
CA GLY A 203 -4.93 1.80 15.99
C GLY A 203 -6.07 1.95 15.00
N LYS A 204 -6.35 3.21 14.62
CA LYS A 204 -7.38 3.60 13.66
C LYS A 204 -6.90 4.81 12.83
N PRO A 205 -7.36 4.97 11.55
CA PRO A 205 -6.94 6.14 10.74
C PRO A 205 -7.46 7.49 11.29
N PRO A 206 -6.76 8.62 11.02
CA PRO A 206 -7.16 9.91 11.63
C PRO A 206 -8.46 10.54 11.17
N PHE A 207 -9.07 10.06 10.08
CA PHE A 207 -10.28 10.64 9.53
C PHE A 207 -11.48 9.66 9.54
N GLU A 208 -11.30 8.50 10.19
CA GLU A 208 -12.27 7.42 10.33
C GLU A 208 -13.63 7.88 10.84
N ALA A 209 -14.71 7.50 10.14
CA ALA A 209 -16.08 7.85 10.45
C ALA A 209 -17.02 6.68 10.20
N ASN A 210 -18.32 6.82 10.55
CA ASN A 210 -19.30 5.76 10.36
C ASN A 210 -19.84 5.73 8.92
N THR A 211 -19.93 6.90 8.26
CA THR A 211 -20.43 7.07 6.89
C THR A 211 -19.33 7.53 5.94
N TYR A 212 -19.52 7.29 4.62
CA TYR A 212 -18.62 7.72 3.54
C TYR A 212 -18.66 9.25 3.47
N GLN A 213 -19.89 9.80 3.61
CA GLN A 213 -20.19 11.23 3.57
C GLN A 213 -19.47 12.00 4.67
N ASP A 214 -19.43 11.42 5.89
CA ASP A 214 -18.74 12.03 7.03
C ASP A 214 -17.22 11.95 6.85
N THR A 215 -16.70 10.81 6.33
CA THR A 215 -15.26 10.63 6.07
C THR A 215 -14.79 11.67 5.04
N TYR A 216 -15.64 12.00 4.04
CA TYR A 216 -15.37 13.03 3.03
C TYR A 216 -15.14 14.38 3.73
N LYS A 217 -16.08 14.81 4.62
CA LYS A 217 -15.98 16.06 5.40
C LYS A 217 -14.70 16.07 6.27
N ARG A 218 -14.44 14.97 7.04
CA ARG A 218 -13.27 14.85 7.91
C ARG A 218 -11.99 15.11 7.15
N ILE A 219 -11.86 14.53 5.93
CA ILE A 219 -10.71 14.69 5.03
C ILE A 219 -10.65 16.11 4.46
N SER A 220 -11.74 16.57 3.82
CA SER A 220 -11.90 17.89 3.18
C SER A 220 -11.45 19.06 4.07
N ARG A 221 -11.92 19.08 5.32
CA ARG A 221 -11.58 20.16 6.26
C ARG A 221 -10.49 19.75 7.26
N VAL A 222 -9.74 18.68 6.93
CA VAL A 222 -8.57 18.14 7.64
C VAL A 222 -8.78 18.06 9.18
N GLU A 223 -9.83 17.34 9.61
CA GLU A 223 -10.10 17.26 11.04
C GLU A 223 -9.51 16.01 11.71
N PHE A 224 -8.51 16.21 12.60
CA PHE A 224 -7.85 15.15 13.37
C PHE A 224 -7.42 15.64 14.76
N THR A 225 -7.49 14.75 15.78
CA THR A 225 -7.08 14.99 17.16
C THR A 225 -6.25 13.81 17.65
N PHE A 226 -5.09 14.10 18.24
CA PHE A 226 -4.20 13.07 18.76
C PHE A 226 -4.55 12.61 20.16
N PRO A 227 -4.70 11.28 20.37
CA PRO A 227 -4.91 10.77 21.74
C PRO A 227 -3.66 11.06 22.57
N ASP A 228 -3.84 11.25 23.88
CA ASP A 228 -2.82 11.61 24.88
C ASP A 228 -1.48 10.89 24.77
N PHE A 229 -1.47 9.58 24.44
CA PHE A 229 -0.23 8.80 24.33
C PHE A 229 0.67 9.15 23.12
N VAL A 230 0.13 9.79 22.06
CA VAL A 230 0.94 10.16 20.89
C VAL A 230 1.94 11.26 21.28
N THR A 231 3.24 10.96 21.12
CA THR A 231 4.36 11.84 21.49
C THR A 231 4.51 13.06 20.59
N GLU A 232 5.13 14.14 21.13
CA GLU A 232 5.41 15.44 20.49
C GLU A 232 6.11 15.27 19.12
N GLY A 233 7.12 14.39 19.08
CA GLY A 233 7.87 14.06 17.87
C GLY A 233 7.01 13.41 16.80
N ALA A 234 6.17 12.42 17.21
CA ALA A 234 5.24 11.73 16.31
C ALA A 234 4.13 12.67 15.83
N ARG A 235 3.59 13.52 16.74
CA ARG A 235 2.54 14.52 16.46
C ARG A 235 2.99 15.50 15.37
N ASP A 236 4.25 15.98 15.46
CA ASP A 236 4.85 16.91 14.53
C ASP A 236 4.93 16.38 13.10
N LEU A 237 5.47 15.16 12.91
CA LEU A 237 5.58 14.51 11.59
C LEU A 237 4.20 14.30 10.97
N ILE A 238 3.22 13.78 11.77
CA ILE A 238 1.84 13.57 11.31
C ILE A 238 1.21 14.91 10.88
N SER A 239 1.43 15.98 11.68
CA SER A 239 0.92 17.33 11.37
C SER A 239 1.53 17.87 10.07
N ARG A 240 2.84 17.64 9.87
CA ARG A 240 3.59 18.05 8.68
C ARG A 240 3.06 17.36 7.43
N LEU A 241 2.72 16.06 7.54
CA LEU A 241 2.22 15.28 6.42
C LEU A 241 0.75 15.49 6.11
N LEU A 242 -0.08 15.80 7.12
CA LEU A 242 -1.51 16.00 6.89
C LEU A 242 -1.88 17.47 6.64
N LYS A 243 -1.32 18.06 5.58
CA LYS A 243 -1.57 19.45 5.16
C LYS A 243 -2.56 19.46 3.97
N HIS A 244 -3.50 20.43 3.94
CA HIS A 244 -4.48 20.52 2.83
C HIS A 244 -3.75 20.84 1.52
N ASN A 245 -2.80 21.80 1.58
CA ASN A 245 -1.98 22.19 0.45
C ASN A 245 -0.91 21.11 0.22
N PRO A 246 -0.87 20.48 -0.99
CA PRO A 246 0.15 19.44 -1.25
C PRO A 246 1.59 19.98 -1.31
N SER A 247 1.75 21.27 -1.65
CA SER A 247 3.05 21.92 -1.74
C SER A 247 3.71 22.08 -0.36
N GLN A 248 2.87 22.17 0.71
CA GLN A 248 3.27 22.32 2.11
C GLN A 248 3.72 20.99 2.73
N ARG A 249 3.42 19.87 2.07
CA ARG A 249 3.79 18.52 2.49
C ARG A 249 5.30 18.32 2.35
N PRO A 250 5.99 17.68 3.32
CA PRO A 250 7.45 17.52 3.19
C PRO A 250 7.83 16.47 2.15
N MET A 251 9.05 16.57 1.60
CA MET A 251 9.57 15.58 0.65
C MET A 251 9.92 14.31 1.43
N LEU A 252 9.98 13.15 0.75
CA LEU A 252 10.32 11.88 1.40
C LEU A 252 11.68 11.90 2.12
N ARG A 253 12.65 12.66 1.56
CA ARG A 253 13.99 12.87 2.12
C ARG A 253 13.90 13.60 3.47
N GLU A 254 12.94 14.55 3.59
CA GLU A 254 12.68 15.34 4.80
C GLU A 254 12.12 14.44 5.90
N VAL A 255 11.30 13.45 5.52
CA VAL A 255 10.67 12.48 6.42
C VAL A 255 11.76 11.52 6.94
N LEU A 256 12.57 10.93 6.02
CA LEU A 256 13.66 9.99 6.35
C LEU A 256 14.71 10.60 7.28
N GLU A 257 14.87 11.93 7.23
CA GLU A 257 15.81 12.70 8.05
C GLU A 257 15.13 13.44 9.22
N HIS A 258 13.82 13.20 9.45
CA HIS A 258 13.04 13.80 10.53
C HIS A 258 13.56 13.27 11.89
N PRO A 259 13.70 14.15 12.92
CA PRO A 259 14.25 13.70 14.22
C PRO A 259 13.57 12.48 14.83
N TRP A 260 12.23 12.47 14.89
CA TRP A 260 11.43 11.36 15.43
C TRP A 260 11.69 10.05 14.67
N ILE A 261 11.81 10.15 13.32
CA ILE A 261 12.08 8.99 12.46
C ILE A 261 13.44 8.38 12.78
N THR A 262 14.52 9.19 12.70
CA THR A 262 15.91 8.77 12.97
C THR A 262 16.15 8.25 14.40
N ALA A 263 15.43 8.79 15.40
CA ALA A 263 15.59 8.38 16.80
C ALA A 263 15.00 7.02 17.11
N ASN A 264 13.91 6.64 16.41
CA ASN A 264 13.18 5.39 16.63
C ASN A 264 13.38 4.34 15.53
N SER A 265 14.03 4.70 14.41
CA SER A 265 14.24 3.77 13.30
C SER A 265 15.47 2.88 13.45
N SER A 266 15.36 1.63 12.95
CA SER A 266 16.40 0.62 12.96
C SER A 266 17.49 0.96 11.93
C1 2VU B . 0.13 -15.72 9.92
C2 2VU B . 0.96 -15.70 8.79
C3 2VU B . 0.54 -16.32 7.61
C4 2VU B . -0.69 -16.97 7.56
C5 2VU B . -1.54 -16.98 8.67
C6 2VU B . -1.10 -16.37 9.86
C7 2VU B . -2.81 -17.65 8.55
N8 2VU B . -3.81 -18.19 8.42
C9 2VU B . 1.41 -16.30 6.39
N10 2VU B . 0.86 -15.42 5.35
C11 2VU B . 1.50 -15.09 4.20
C12 2VU B . 0.70 -14.28 3.48
C13 2VU B . -0.48 -14.09 4.22
N14 2VU B . -0.40 -14.76 5.33
N15 2VU B . 1.04 -13.74 2.23
C16 2VU B . 0.19 -13.08 1.41
O17 2VU B . -0.98 -12.87 1.70
C18 2VU B . 0.71 -12.58 0.12
C19 2VU B . 0.02 -11.67 -0.79
C20 2VU B . -1.24 -11.03 -0.79
C21 2VU B . -1.56 -10.19 -1.82
C22 2VU B . -0.67 -9.98 -2.90
C23 2VU B . 0.58 -10.62 -2.90
C24 2VU B . 0.93 -11.47 -1.85
N25 2VU B . 2.04 -12.21 -1.54
N27 2VU B . 1.89 -12.81 -0.42
C28 2VU B . -1.03 -9.05 -3.99
C29 2VU B . -0.17 -8.21 -4.65
N30 2VU B . -0.88 -7.49 -5.54
N32 2VU B . -2.22 -7.87 -5.41
C33 2VU B . -2.32 -8.79 -4.48
#